data_4YOI
#
_entry.id   4YOI
#
_cell.length_a   57.811
_cell.length_b   87.992
_cell.length_c   113.956
_cell.angle_alpha   90.00
_cell.angle_beta   90.00
_cell.angle_gamma   90.00
#
_symmetry.space_group_name_H-M   'P 21 21 21'
#
loop_
_entity.id
_entity.type
_entity.pdbx_description
1 polymer '3C-like proteinase'
2 non-polymer N-{4-[(1H-benzotriazol-1-ylacetyl)(thiophen-3-ylmethyl)amino]phenyl}thiophene-2-carboxamide
3 non-polymer 'ACETATE ION'
4 non-polymer 'FORMIC ACID'
5 water water
#
_entity_poly.entity_id   1
_entity_poly.type   'polypeptide(L)'
_entity_poly.pdbx_seq_one_letter_code
;SGLVKMSAPSGAVENCIVQVTCGSMTLNGLWLDNTVWCPRHIMCPADQLTDPNYDALLISKTNHSFIVQKHIGAQANLRV
VAHSMVGVLLKLTVDVANPSTPAYTFSTVKPGASFSVLACYNGKPTGVFTVNLRHNSTIKGSFLCGSCGSVGYTENGGVI
NFVYMHQMELSNGTHTGSSFDGVMYGAFEDKQTHQLQLTDKYCTINVVAWLYAAVLNGCKWFVKPTRVGIVTYNEWALSN
QFTEFVGTQSIDMLAHRTGVSVEQMLAAIQSLHAGFQGKTILGQSTLEDEFTPDDVNMQVMGVVMQ
;
_entity_poly.pdbx_strand_id   A,B
#
# COMPACT_ATOMS: atom_id res chain seq x y z
N SER A 1 -9.87 -0.71 -13.96
CA SER A 1 -9.02 0.46 -14.11
C SER A 1 -8.74 1.06 -12.74
N GLY A 2 -8.04 2.19 -12.73
CA GLY A 2 -7.55 2.76 -11.49
C GLY A 2 -6.08 2.43 -11.34
N LEU A 3 -5.34 3.31 -10.68
CA LEU A 3 -3.92 3.09 -10.43
C LEU A 3 -3.60 3.49 -8.99
N VAL A 4 -3.23 2.52 -8.15
CA VAL A 4 -2.88 2.80 -6.77
C VAL A 4 -1.57 2.10 -6.42
N LYS A 5 -0.87 2.60 -5.39
CA LYS A 5 0.34 1.93 -4.93
C LYS A 5 -0.06 0.56 -4.36
N MET A 6 0.46 -0.50 -4.98
CA MET A 6 0.07 -1.85 -4.61
C MET A 6 1.25 -2.70 -4.09
N SER A 7 1.00 -3.48 -3.04
CA SER A 7 2.04 -4.34 -2.47
C SER A 7 1.72 -5.81 -2.72
N ALA A 8 2.75 -6.65 -2.72
CA ALA A 8 2.54 -8.06 -2.78
C ALA A 8 1.97 -8.51 -1.42
N PRO A 9 1.03 -9.47 -1.42
CA PRO A 9 0.47 -9.99 -0.17
C PRO A 9 1.57 -10.47 0.79
N SER A 10 1.39 -10.17 2.08
CA SER A 10 2.49 -10.28 3.06
C SER A 10 2.50 -11.56 3.88
N GLY A 11 1.49 -12.42 3.70
CA GLY A 11 1.36 -13.61 4.52
C GLY A 11 2.62 -14.46 4.64
N ALA A 12 3.25 -14.76 3.50
CA ALA A 12 4.42 -15.64 3.52
C ALA A 12 5.56 -15.04 4.34
N VAL A 13 5.67 -13.71 4.30
CA VAL A 13 6.72 -13.01 5.04
C VAL A 13 6.38 -12.89 6.53
N GLU A 14 5.11 -12.63 6.84
CA GLU A 14 4.64 -12.55 8.23
C GLU A 14 5.07 -13.79 9.05
N ASN A 15 5.04 -14.95 8.42
CA ASN A 15 5.42 -16.22 9.07
C ASN A 15 6.90 -16.33 9.44
N CYS A 16 7.69 -15.35 9.03
CA CYS A 16 9.14 -15.41 9.21
C CYS A 16 9.65 -14.30 10.14
N ILE A 17 8.75 -13.46 10.62
CA ILE A 17 9.16 -12.34 11.45
C ILE A 17 9.33 -12.79 12.90
N VAL A 18 10.45 -12.43 13.51
CA VAL A 18 10.69 -12.67 14.92
C VAL A 18 11.17 -11.39 15.60
N GLN A 19 11.16 -11.41 16.94
CA GLN A 19 11.75 -10.34 17.76
C GLN A 19 13.15 -10.74 18.19
N VAL A 20 14.11 -9.81 18.09
CA VAL A 20 15.46 -10.09 18.56
C VAL A 20 15.83 -9.04 19.59
N THR A 21 16.40 -9.48 20.71
CA THR A 21 16.77 -8.57 21.79
C THR A 21 18.23 -8.83 22.17
N CYS A 22 18.98 -7.75 22.31
CA CYS A 22 20.35 -7.82 22.79
C CYS A 22 20.55 -6.66 23.75
N GLY A 23 20.82 -6.97 25.02
CA GLY A 23 20.95 -5.95 26.03
C GLY A 23 19.68 -5.12 26.13
N SER A 24 19.82 -3.81 25.94
CA SER A 24 18.69 -2.91 26.07
C SER A 24 18.03 -2.61 24.71
N MET A 25 18.57 -3.19 23.64
CA MET A 25 18.06 -2.93 22.30
C MET A 25 17.19 -4.09 21.81
N THR A 26 16.08 -3.77 21.16
CA THR A 26 15.25 -4.80 20.56
C THR A 26 14.75 -4.31 19.20
N LEU A 27 14.61 -5.24 18.27
CA LEU A 27 14.17 -4.90 16.92
C LEU A 27 13.69 -6.18 16.27
N ASN A 28 13.51 -6.15 14.95
CA ASN A 28 12.94 -7.29 14.23
C ASN A 28 13.96 -8.13 13.50
N GLY A 29 13.65 -9.41 13.35
CA GLY A 29 14.52 -10.31 12.62
C GLY A 29 13.72 -11.14 11.64
N LEU A 30 14.42 -11.72 10.68
CA LEU A 30 13.83 -12.59 9.67
C LEU A 30 14.39 -14.00 9.84
N TRP A 31 13.48 -14.93 10.10
CA TRP A 31 13.79 -16.34 10.38
C TRP A 31 13.55 -17.22 9.14
N LEU A 32 14.63 -17.65 8.50
CA LEU A 32 14.55 -18.53 7.33
C LEU A 32 15.41 -19.75 7.59
N ASP A 33 14.84 -20.94 7.41
CA ASP A 33 15.53 -22.18 7.77
C ASP A 33 16.05 -22.02 9.19
N ASN A 34 17.31 -22.39 9.45
CA ASN A 34 17.86 -22.24 10.79
C ASN A 34 18.65 -20.94 11.03
N THR A 35 18.29 -19.88 10.32
CA THR A 35 19.01 -18.60 10.42
C THR A 35 18.07 -17.46 10.78
N VAL A 36 18.52 -16.56 11.63
CA VAL A 36 17.79 -15.33 11.89
C VAL A 36 18.67 -14.15 11.51
N TRP A 37 18.16 -13.30 10.62
CA TRP A 37 18.85 -12.11 10.13
C TRP A 37 18.36 -10.86 10.86
N CYS A 38 19.27 -10.00 11.32
CA CYS A 38 18.85 -8.70 11.85
C CYS A 38 20.00 -7.70 11.68
N PRO A 39 19.71 -6.39 11.82
CA PRO A 39 20.80 -5.39 11.67
C PRO A 39 21.86 -5.57 12.74
N ARG A 40 23.13 -5.37 12.41
CA ARG A 40 24.14 -5.66 13.40
C ARG A 40 24.15 -4.60 14.49
N HIS A 41 23.54 -3.44 14.24
CA HIS A 41 23.55 -2.41 15.28
C HIS A 41 22.66 -2.76 16.49
N ILE A 42 21.98 -3.89 16.46
CA ILE A 42 21.35 -4.37 17.70
C ILE A 42 22.40 -4.60 18.80
N MET A 43 23.67 -4.79 18.42
CA MET A 43 24.73 -5.04 19.40
C MET A 43 25.27 -3.77 20.06
N CYS A 44 24.99 -2.64 19.45
CA CYS A 44 25.62 -1.39 19.86
C CYS A 44 24.88 -0.75 21.04
N PRO A 45 25.60 -0.46 22.13
CA PRO A 45 25.01 0.25 23.28
C PRO A 45 24.66 1.67 22.91
N ALA A 46 23.69 2.25 23.60
CA ALA A 46 23.20 3.59 23.32
C ALA A 46 24.31 4.63 23.24
N ASP A 47 25.31 4.50 24.09
CA ASP A 47 26.35 5.54 24.22
C ASP A 47 27.50 5.38 23.24
N GLN A 48 27.40 4.44 22.31
CA GLN A 48 28.49 4.26 21.36
C GLN A 48 27.99 4.21 19.92
N LEU A 49 26.80 4.76 19.70
CA LEU A 49 26.18 4.76 18.39
C LEU A 49 26.91 5.61 17.35
N THR A 50 27.76 6.53 17.82
CA THR A 50 28.45 7.43 16.91
C THR A 50 29.60 6.72 16.19
N ASP A 51 30.36 5.93 16.93
CA ASP A 51 31.54 5.25 16.39
C ASP A 51 31.53 3.80 16.84
N PRO A 52 30.58 3.00 16.32
CA PRO A 52 30.60 1.62 16.82
C PRO A 52 31.74 0.82 16.24
N ASN A 53 32.40 0.05 17.12
CA ASN A 53 33.39 -0.93 16.73
C ASN A 53 32.70 -2.28 16.69
N TYR A 54 32.16 -2.65 15.53
CA TYR A 54 31.33 -3.84 15.48
C TYR A 54 32.12 -5.13 15.72
N ASP A 55 33.39 -5.16 15.36
CA ASP A 55 34.18 -6.38 15.59
C ASP A 55 34.37 -6.65 17.08
N ALA A 56 34.62 -5.58 17.83
CA ALA A 56 34.75 -5.66 19.27
C ALA A 56 33.43 -6.02 19.91
N LEU A 57 32.35 -5.38 19.46
CA LEU A 57 31.01 -5.71 19.95
C LEU A 57 30.69 -7.18 19.74
N LEU A 58 30.98 -7.68 18.55
CA LEU A 58 30.65 -9.06 18.21
C LEU A 58 31.25 -10.03 19.21
N ILE A 59 32.52 -9.78 19.50
CA ILE A 59 33.36 -10.63 20.33
C ILE A 59 32.95 -10.53 21.80
N SER A 60 32.33 -9.40 22.17
CA SER A 60 31.90 -9.15 23.55
C SER A 60 30.55 -9.78 23.86
N LYS A 61 29.92 -10.35 22.84
CA LYS A 61 28.65 -11.05 23.01
C LYS A 61 28.84 -12.56 23.04
N THR A 62 27.95 -13.23 23.75
CA THR A 62 27.86 -14.68 23.72
C THR A 62 26.63 -15.04 22.92
N ASN A 63 26.49 -16.29 22.54
CA ASN A 63 25.24 -16.71 21.92
C ASN A 63 24.04 -16.38 22.82
N HIS A 64 24.21 -16.59 24.12
CA HIS A 64 23.16 -16.27 25.11
C HIS A 64 22.80 -14.79 25.23
N SER A 65 23.62 -13.91 24.67
CA SER A 65 23.34 -12.47 24.67
C SER A 65 22.11 -12.12 23.83
N PHE A 66 21.75 -13.03 22.92
CA PHE A 66 20.69 -12.74 21.96
C PHE A 66 19.44 -13.54 22.30
N ILE A 67 18.36 -12.84 22.59
CA ILE A 67 17.09 -13.49 22.83
C ILE A 67 16.23 -13.34 21.58
N VAL A 68 15.78 -14.46 21.03
CA VAL A 68 15.01 -14.47 19.80
C VAL A 68 13.66 -15.10 20.13
N GLN A 69 12.58 -14.39 19.81
CA GLN A 69 11.24 -14.87 20.12
C GLN A 69 10.30 -14.74 18.94
N LYS A 70 9.47 -15.74 18.73
CA LYS A 70 8.39 -15.66 17.75
C LYS A 70 7.08 -15.40 18.45
N HIS A 71 6.41 -14.32 18.09
CA HIS A 71 5.21 -13.90 18.83
C HIS A 71 3.92 -14.34 18.16
N ILE A 72 3.86 -14.19 16.85
CA ILE A 72 2.66 -14.49 16.09
C ILE A 72 2.71 -15.93 15.61
N GLY A 73 1.58 -16.45 15.14
CA GLY A 73 1.49 -17.84 14.70
C GLY A 73 1.89 -18.83 15.78
N ALA A 74 2.61 -19.87 15.38
CA ALA A 74 3.12 -20.85 16.33
C ALA A 74 4.30 -20.27 17.10
N GLN A 75 4.02 -19.78 18.30
CA GLN A 75 5.03 -19.11 19.13
C GLN A 75 6.26 -19.96 19.38
N ALA A 76 7.35 -19.30 19.79
CA ALA A 76 8.61 -19.97 20.04
C ALA A 76 9.64 -19.07 20.73
N ASN A 77 10.49 -19.67 21.56
CA ASN A 77 11.73 -19.03 21.95
C ASN A 77 12.85 -19.82 21.29
N LEU A 78 13.68 -19.13 20.53
CA LEU A 78 14.70 -19.82 19.73
C LEU A 78 16.09 -19.67 20.32
N ARG A 79 16.79 -20.79 20.50
CA ARG A 79 18.14 -20.77 21.01
C ARG A 79 19.18 -20.46 19.94
N VAL A 80 19.98 -19.42 20.18
CA VAL A 80 21.05 -19.04 19.26
C VAL A 80 22.25 -19.93 19.53
N VAL A 81 22.78 -20.57 18.49
CA VAL A 81 23.93 -21.45 18.65
C VAL A 81 25.19 -20.94 17.94
N ALA A 82 25.05 -19.86 17.17
CA ALA A 82 26.22 -19.19 16.59
C ALA A 82 25.81 -17.78 16.21
N HIS A 83 26.78 -16.88 16.15
CA HIS A 83 26.53 -15.51 15.67
C HIS A 83 27.73 -14.98 14.91
N SER A 84 27.48 -14.39 13.74
CA SER A 84 28.56 -13.78 12.98
C SER A 84 28.05 -12.61 12.16
N MET A 85 28.96 -11.79 11.66
CA MET A 85 28.56 -10.65 10.84
C MET A 85 28.57 -11.01 9.38
N VAL A 86 27.58 -10.49 8.67
CA VAL A 86 27.49 -10.60 7.23
C VAL A 86 27.30 -9.15 6.78
N GLY A 87 28.39 -8.44 6.51
CA GLY A 87 28.25 -7.03 6.20
C GLY A 87 27.64 -6.29 7.38
N VAL A 88 26.56 -5.54 7.13
CA VAL A 88 25.93 -4.76 8.18
C VAL A 88 24.78 -5.55 8.80
N LEU A 89 24.73 -6.84 8.52
CA LEU A 89 23.76 -7.74 9.16
C LEU A 89 24.43 -8.64 10.20
N LEU A 90 23.66 -8.99 11.22
CA LEU A 90 24.02 -10.11 12.10
C LEU A 90 23.34 -11.36 11.58
N LYS A 91 24.09 -12.43 11.48
CA LYS A 91 23.52 -13.70 11.11
C LYS A 91 23.52 -14.59 12.35
N LEU A 92 22.33 -14.84 12.90
CA LEU A 92 22.21 -15.69 14.08
C LEU A 92 21.79 -17.09 13.64
N THR A 93 22.61 -18.09 13.91
CA THR A 93 22.18 -19.46 13.66
C THR A 93 21.40 -19.91 14.87
N VAL A 94 20.20 -20.46 14.63
CA VAL A 94 19.39 -20.96 15.74
C VAL A 94 19.24 -22.48 15.66
N ASP A 95 18.75 -23.11 16.73
CA ASP A 95 18.77 -24.56 16.78
C ASP A 95 17.51 -25.18 16.19
N VAL A 96 16.59 -24.36 15.69
CA VAL A 96 15.37 -24.87 15.06
C VAL A 96 15.13 -24.17 13.72
N ALA A 97 14.82 -24.94 12.68
CA ALA A 97 14.50 -24.35 11.39
C ALA A 97 13.03 -23.90 11.33
N ASN A 98 12.78 -22.76 10.69
CA ASN A 98 11.42 -22.24 10.54
C ASN A 98 10.65 -23.14 9.61
N PRO A 99 9.63 -23.83 10.14
CA PRO A 99 8.89 -24.79 9.30
C PRO A 99 8.01 -24.10 8.26
N SER A 100 7.81 -22.79 8.42
CA SER A 100 7.03 -22.01 7.46
C SER A 100 7.94 -21.17 6.57
N THR A 101 9.19 -21.59 6.41
CA THR A 101 10.09 -20.94 5.46
C THR A 101 9.51 -21.07 4.05
N PRO A 102 9.26 -19.93 3.38
CA PRO A 102 8.75 -20.05 2.01
C PRO A 102 9.87 -20.39 1.02
N ALA A 103 9.50 -20.75 -0.21
CA ALA A 103 10.49 -20.84 -1.27
C ALA A 103 10.98 -19.42 -1.45
N TYR A 104 12.30 -19.21 -1.46
CA TYR A 104 12.79 -17.84 -1.54
C TYR A 104 14.10 -17.67 -2.26
N THR A 105 14.34 -16.41 -2.64
CA THR A 105 15.57 -15.99 -3.26
CA THR A 105 15.63 -16.02 -3.19
C THR A 105 16.05 -14.72 -2.53
N PHE A 106 17.35 -14.44 -2.55
CA PHE A 106 17.84 -13.13 -2.17
C PHE A 106 18.21 -12.38 -3.44
N SER A 107 17.91 -11.09 -3.51
CA SER A 107 18.44 -10.28 -4.60
CA SER A 107 18.33 -10.24 -4.63
C SER A 107 18.68 -8.84 -4.15
N THR A 108 19.41 -8.10 -4.97
CA THR A 108 19.69 -6.70 -4.72
CA THR A 108 19.72 -6.70 -4.72
C THR A 108 19.06 -5.87 -5.82
N VAL A 109 18.13 -5.00 -5.46
CA VAL A 109 17.42 -4.23 -6.49
C VAL A 109 18.23 -3.02 -6.94
N LYS A 110 17.88 -2.52 -8.12
CA LYS A 110 18.57 -1.37 -8.70
C LYS A 110 17.74 -0.11 -8.50
N PRO A 111 18.39 1.07 -8.51
CA PRO A 111 17.63 2.32 -8.44
C PRO A 111 16.53 2.37 -9.49
N GLY A 112 15.34 2.78 -9.06
CA GLY A 112 14.19 2.81 -9.94
C GLY A 112 13.29 1.59 -9.80
N ALA A 113 13.74 0.56 -9.09
CA ALA A 113 12.93 -0.63 -8.91
C ALA A 113 12.04 -0.51 -7.68
N SER A 114 10.85 -1.12 -7.74
CA SER A 114 9.94 -1.09 -6.59
CA SER A 114 9.89 -1.11 -6.62
C SER A 114 9.97 -2.40 -5.80
N PHE A 115 9.57 -2.32 -4.53
CA PHE A 115 9.39 -3.53 -3.73
C PHE A 115 8.41 -3.27 -2.60
N SER A 116 7.89 -4.35 -2.04
CA SER A 116 6.94 -4.24 -0.95
C SER A 116 7.69 -4.24 0.39
N VAL A 117 7.18 -3.52 1.38
CA VAL A 117 7.77 -3.51 2.69
C VAL A 117 6.77 -3.98 3.73
N LEU A 118 7.14 -5.01 4.50
CA LEU A 118 6.39 -5.37 5.69
C LEU A 118 7.00 -4.66 6.88
N ALA A 119 6.35 -3.59 7.32
CA ALA A 119 6.80 -2.86 8.50
C ALA A 119 6.48 -3.69 9.72
N CYS A 120 7.44 -3.77 10.63
CA CYS A 120 7.28 -4.58 11.82
C CYS A 120 7.72 -3.79 13.04
N TYR A 121 7.23 -4.19 14.20
CA TYR A 121 7.65 -3.53 15.43
C TYR A 121 7.68 -4.56 16.55
N ASN A 122 8.82 -4.62 17.25
CA ASN A 122 9.06 -5.63 18.30
C ASN A 122 8.64 -7.05 17.89
N GLY A 123 8.95 -7.42 16.66
CA GLY A 123 8.70 -8.77 16.21
C GLY A 123 7.30 -9.04 15.71
N LYS A 124 6.49 -8.00 15.61
CA LYS A 124 5.12 -8.15 15.11
C LYS A 124 4.89 -7.29 13.86
N PRO A 125 4.37 -7.89 12.79
CA PRO A 125 4.03 -7.13 11.57
C PRO A 125 3.00 -6.08 11.88
N THR A 126 3.19 -4.87 11.37
CA THR A 126 2.34 -3.74 11.72
CA THR A 126 2.25 -3.81 11.70
C THR A 126 1.66 -3.13 10.47
N GLY A 127 2.32 -3.24 9.33
CA GLY A 127 1.81 -2.61 8.13
C GLY A 127 2.52 -3.02 6.85
N VAL A 128 1.90 -2.74 5.72
CA VAL A 128 2.46 -3.08 4.42
C VAL A 128 2.41 -1.87 3.49
N PHE A 129 3.53 -1.56 2.84
CA PHE A 129 3.50 -0.47 1.85
C PHE A 129 4.56 -0.72 0.77
N THR A 130 4.49 0.04 -0.32
CA THR A 130 5.42 -0.18 -1.42
C THR A 130 6.32 1.04 -1.61
N VAL A 131 7.61 0.80 -1.83
CA VAL A 131 8.55 1.88 -2.06
C VAL A 131 9.28 1.68 -3.39
N ASN A 132 10.00 2.70 -3.82
CA ASN A 132 10.88 2.60 -4.97
C ASN A 132 12.30 2.95 -4.52
N LEU A 133 13.30 2.20 -4.98
CA LEU A 133 14.68 2.57 -4.64
C LEU A 133 15.04 3.86 -5.38
N ARG A 134 15.31 4.91 -4.62
CA ARG A 134 15.57 6.22 -5.21
C ARG A 134 16.92 6.24 -5.93
N HIS A 135 17.14 7.28 -6.73
CA HIS A 135 18.36 7.37 -7.53
C HIS A 135 19.61 7.35 -6.66
N ASN A 136 19.49 7.87 -5.45
CA ASN A 136 20.63 7.92 -4.53
C ASN A 136 20.59 6.74 -3.57
N SER A 137 19.79 5.74 -3.92
CA SER A 137 19.69 4.47 -3.20
C SER A 137 19.24 4.65 -1.75
N THR A 138 18.26 5.53 -1.58
CA THR A 138 17.52 5.62 -0.33
C THR A 138 16.10 5.17 -0.67
N ILE A 139 15.25 5.02 0.34
CA ILE A 139 13.82 4.85 0.09
C ILE A 139 13.05 5.86 0.95
N LYS A 140 11.83 6.17 0.53
CA LYS A 140 10.97 7.07 1.27
C LYS A 140 9.90 6.25 1.95
N GLY A 141 10.12 5.93 3.21
CA GLY A 141 9.23 5.02 3.91
C GLY A 141 8.64 5.63 5.16
N SER A 142 8.20 4.75 6.05
CA SER A 142 7.62 5.14 7.32
C SER A 142 8.07 4.14 8.38
N PHE A 143 8.97 4.58 9.26
CA PHE A 143 9.59 3.70 10.26
C PHE A 143 9.88 4.41 11.59
N LEU A 144 9.94 3.61 12.66
CA LEU A 144 10.61 3.96 13.92
C LEU A 144 11.93 3.21 14.07
N CYS A 145 12.69 3.52 15.12
CA CYS A 145 13.91 2.76 15.44
C CYS A 145 13.58 1.29 15.68
N GLY A 146 12.46 1.04 16.33
CA GLY A 146 12.02 -0.32 16.59
C GLY A 146 11.53 -1.03 15.35
N SER A 147 11.44 -0.30 14.25
CA SER A 147 11.07 -0.88 12.96
C SER A 147 12.30 -1.45 12.25
N CYS A 148 13.49 -1.17 12.76
CA CYS A 148 14.68 -1.78 12.17
C CYS A 148 14.53 -3.30 12.08
N GLY A 149 14.99 -3.86 10.98
CA GLY A 149 14.71 -5.26 10.71
C GLY A 149 13.46 -5.51 9.87
N SER A 150 12.64 -4.48 9.64
CA SER A 150 11.52 -4.63 8.70
C SER A 150 12.05 -5.07 7.32
N VAL A 151 11.20 -5.76 6.59
CA VAL A 151 11.66 -6.56 5.45
C VAL A 151 11.05 -6.11 4.14
N GLY A 152 11.89 -5.88 3.14
CA GLY A 152 11.46 -5.57 1.79
C GLY A 152 11.56 -6.80 0.89
N TYR A 153 10.58 -7.02 0.03
CA TYR A 153 10.47 -8.25 -0.76
C TYR A 153 9.64 -8.02 -2.04
N THR A 154 9.81 -8.91 -3.02
CA THR A 154 8.88 -9.01 -4.13
C THR A 154 8.42 -10.45 -4.17
N GLU A 155 7.45 -10.76 -5.03
CA GLU A 155 6.95 -12.11 -5.16
C GLU A 155 6.68 -12.42 -6.61
N ASN A 156 7.04 -13.63 -7.04
CA ASN A 156 6.71 -14.09 -8.39
C ASN A 156 6.65 -15.60 -8.42
N GLY A 157 5.51 -16.13 -8.85
CA GLY A 157 5.32 -17.57 -8.94
C GLY A 157 5.49 -18.32 -7.63
N GLY A 158 5.02 -17.72 -6.55
CA GLY A 158 5.08 -18.34 -5.23
C GLY A 158 6.42 -18.19 -4.53
N VAL A 159 7.39 -17.65 -5.23
CA VAL A 159 8.73 -17.48 -4.65
C VAL A 159 8.90 -16.08 -4.08
N ILE A 160 9.28 -15.99 -2.81
CA ILE A 160 9.52 -14.69 -2.19
C ILE A 160 10.96 -14.29 -2.48
N ASN A 161 11.13 -13.08 -3.00
CA ASN A 161 12.45 -12.52 -3.29
C ASN A 161 12.76 -11.45 -2.25
N PHE A 162 13.63 -11.77 -1.30
CA PHE A 162 13.96 -10.84 -0.22
C PHE A 162 15.05 -9.87 -0.67
N VAL A 163 14.79 -8.57 -0.58
CA VAL A 163 15.73 -7.58 -1.14
C VAL A 163 16.20 -6.49 -0.18
N TYR A 164 15.59 -6.38 0.98
CA TYR A 164 15.83 -5.22 1.83
C TYR A 164 15.55 -5.54 3.30
N MET A 165 16.46 -5.13 4.17
CA MET A 165 16.18 -5.15 5.60
C MET A 165 16.45 -3.77 6.16
N HIS A 166 15.43 -3.18 6.78
CA HIS A 166 15.57 -1.80 7.23
C HIS A 166 16.65 -1.56 8.30
N GLN A 167 17.50 -0.57 8.07
CA GLN A 167 18.64 -0.31 8.95
C GLN A 167 18.61 1.05 9.65
N MET A 168 18.31 2.11 8.91
CA MET A 168 18.44 3.43 9.51
C MET A 168 17.61 4.54 8.87
N GLU A 169 17.42 5.61 9.63
CA GLU A 169 16.83 6.82 9.10
C GLU A 169 17.94 7.85 8.90
N LEU A 170 18.04 8.37 7.69
CA LEU A 170 19.13 9.28 7.31
C LEU A 170 18.77 10.74 7.52
N SER A 171 17.52 11.06 7.18
CA SER A 171 16.95 12.39 7.36
C SER A 171 15.45 12.21 7.37
N ASN A 172 14.71 13.28 7.59
CA ASN A 172 13.27 13.14 7.74
C ASN A 172 12.64 12.41 6.56
N GLY A 173 11.89 11.36 6.85
CA GLY A 173 11.22 10.55 5.84
C GLY A 173 12.12 9.82 4.85
N THR A 174 13.41 9.76 5.16
CA THR A 174 14.39 9.19 4.24
C THR A 174 15.18 8.09 4.94
N HIS A 175 15.21 6.91 4.31
CA HIS A 175 15.64 5.69 4.98
C HIS A 175 16.60 4.88 4.12
N THR A 176 17.34 3.97 4.74
CA THR A 176 18.00 2.97 3.93
C THR A 176 18.20 1.69 4.72
N GLY A 177 18.64 0.66 4.03
CA GLY A 177 18.82 -0.64 4.64
C GLY A 177 19.78 -1.43 3.77
N SER A 178 19.85 -2.73 4.01
CA SER A 178 20.79 -3.58 3.29
C SER A 178 20.09 -4.69 2.55
N SER A 179 20.71 -5.21 1.50
CA SER A 179 20.27 -6.48 0.93
C SER A 179 20.75 -7.59 1.88
N PHE A 180 20.36 -8.84 1.62
CA PHE A 180 20.64 -9.89 2.60
C PHE A 180 22.03 -10.52 2.41
N ASP A 181 22.81 -9.96 1.50
CA ASP A 181 24.27 -10.21 1.51
C ASP A 181 24.96 -9.28 2.52
N GLY A 182 24.19 -8.40 3.14
CA GLY A 182 24.74 -7.48 4.13
C GLY A 182 25.31 -6.20 3.54
N VAL A 183 25.00 -5.92 2.29
CA VAL A 183 25.54 -4.72 1.64
C VAL A 183 24.51 -3.61 1.75
N MET A 184 24.90 -2.46 2.30
CA MET A 184 23.95 -1.36 2.48
C MET A 184 23.63 -0.70 1.14
N TYR A 185 22.35 -0.44 0.89
CA TYR A 185 21.98 0.34 -0.28
C TYR A 185 22.58 1.75 -0.14
N GLY A 186 23.32 2.18 -1.14
CA GLY A 186 23.81 3.54 -1.13
C GLY A 186 25.12 3.66 -0.39
N ALA A 187 25.68 4.86 -0.42
CA ALA A 187 26.95 5.16 0.23
C ALA A 187 26.72 5.44 1.70
N PHE A 188 26.24 4.45 2.45
CA PHE A 188 25.87 4.72 3.83
C PHE A 188 26.42 3.73 4.84
N GLU A 189 26.99 4.27 5.91
CA GLU A 189 27.54 3.48 6.99
C GLU A 189 26.55 3.38 8.16
N ASP A 190 26.49 2.21 8.80
CA ASP A 190 25.62 2.05 9.96
C ASP A 190 26.25 2.68 11.21
N LYS A 191 26.25 4.00 11.25
CA LYS A 191 26.67 4.72 12.44
C LYS A 191 25.83 5.99 12.57
N GLN A 192 25.81 6.56 13.77
CA GLN A 192 25.04 7.76 14.04
C GLN A 192 25.88 9.02 13.82
N THR A 193 26.24 9.26 12.58
CA THR A 193 26.86 10.51 12.18
C THR A 193 26.08 11.05 11.00
N HIS A 194 26.12 12.36 10.79
CA HIS A 194 25.50 12.92 9.60
C HIS A 194 26.24 12.42 8.37
N GLN A 195 25.48 11.90 7.41
CA GLN A 195 26.05 11.47 6.15
C GLN A 195 25.37 12.20 5.00
N LEU A 196 26.17 12.64 4.04
CA LEU A 196 25.64 13.40 2.92
C LEU A 196 25.09 12.48 1.85
N GLN A 197 23.86 12.74 1.45
CA GLN A 197 23.21 11.94 0.42
C GLN A 197 23.52 12.55 -0.94
N LEU A 198 23.85 11.70 -1.91
CA LEU A 198 23.94 12.15 -3.29
C LEU A 198 22.59 12.72 -3.71
N THR A 199 22.58 13.63 -4.68
CA THR A 199 21.30 14.23 -5.09
C THR A 199 20.36 13.19 -5.68
N ASP A 200 19.07 13.31 -5.36
CA ASP A 200 18.08 12.40 -5.91
C ASP A 200 17.66 12.89 -7.30
N LYS A 201 17.07 12.00 -8.09
CA LYS A 201 16.57 12.35 -9.42
C LYS A 201 15.23 11.69 -9.66
N TYR A 202 14.42 12.27 -10.56
CA TYR A 202 13.22 11.60 -11.05
C TYR A 202 13.60 10.46 -11.98
N CYS A 203 13.03 9.30 -11.75
CA CYS A 203 13.24 8.17 -12.65
C CYS A 203 12.39 8.33 -13.89
N THR A 204 13.01 8.76 -14.99
CA THR A 204 12.27 9.08 -16.21
C THR A 204 11.40 7.94 -16.73
N ILE A 205 11.96 6.73 -16.78
CA ILE A 205 11.21 5.64 -17.40
C ILE A 205 9.96 5.33 -16.57
N ASN A 206 10.04 5.50 -15.26
CA ASN A 206 8.87 5.34 -14.39
C ASN A 206 7.83 6.43 -14.62
N VAL A 207 8.28 7.67 -14.79
CA VAL A 207 7.34 8.75 -15.11
C VAL A 207 6.62 8.45 -16.44
N VAL A 208 7.37 7.98 -17.43
CA VAL A 208 6.79 7.65 -18.74
C VAL A 208 5.73 6.56 -18.58
N ALA A 209 6.04 5.52 -17.81
CA ALA A 209 5.08 4.46 -17.54
C ALA A 209 3.80 4.99 -16.90
N TRP A 210 3.97 5.89 -15.94
CA TRP A 210 2.84 6.52 -15.26
C TRP A 210 1.96 7.33 -16.23
N LEU A 211 2.59 8.09 -17.12
CA LEU A 211 1.82 8.85 -18.11
C LEU A 211 1.02 7.92 -19.04
N TYR A 212 1.61 6.77 -19.38
CA TYR A 212 0.90 5.78 -20.19
C TYR A 212 -0.29 5.19 -19.41
N ALA A 213 -0.10 4.91 -18.12
CA ALA A 213 -1.25 4.47 -17.31
C ALA A 213 -2.34 5.53 -17.29
N ALA A 214 -1.95 6.79 -17.19
CA ALA A 214 -2.92 7.87 -17.20
C ALA A 214 -3.72 7.85 -18.49
N VAL A 215 -3.05 7.75 -19.62
CA VAL A 215 -3.72 7.71 -20.92
C VAL A 215 -4.69 6.53 -21.04
N LEU A 216 -4.27 5.36 -20.57
CA LEU A 216 -5.14 4.19 -20.56
C LEU A 216 -6.30 4.36 -19.59
N ASN A 217 -6.14 5.28 -18.63
CA ASN A 217 -7.20 5.56 -17.66
C ASN A 217 -7.99 6.80 -18.03
N GLY A 218 -7.86 7.23 -19.28
CA GLY A 218 -8.73 8.25 -19.85
C GLY A 218 -8.26 9.67 -19.63
N CYS A 219 -7.04 9.81 -19.09
CA CYS A 219 -6.48 11.11 -18.80
C CYS A 219 -5.38 11.43 -19.80
N LYS A 220 -5.68 12.31 -20.77
CA LYS A 220 -4.75 12.53 -21.87
C LYS A 220 -4.48 14.00 -22.25
N TRP A 221 -4.88 14.94 -21.40
CA TRP A 221 -4.81 16.35 -21.75
C TRP A 221 -3.39 16.83 -22.01
N PHE A 222 -2.42 16.11 -21.45
CA PHE A 222 -1.01 16.50 -21.51
C PHE A 222 -0.31 16.02 -22.78
N VAL A 223 -0.99 15.18 -23.56
CA VAL A 223 -0.42 14.67 -24.82
C VAL A 223 -0.60 15.70 -25.95
N LYS A 224 0.52 16.11 -26.54
CA LYS A 224 0.53 17.12 -27.59
C LYS A 224 1.27 16.58 -28.80
N PRO A 225 1.15 17.26 -29.95
CA PRO A 225 1.96 16.83 -31.10
C PRO A 225 3.46 16.94 -30.83
N THR A 226 3.82 17.77 -29.84
CA THR A 226 5.21 18.01 -29.52
C THR A 226 5.97 16.73 -29.24
N ARG A 227 7.17 16.61 -29.79
CA ARG A 227 8.05 15.50 -29.47
C ARG A 227 9.46 15.98 -29.22
N VAL A 228 10.21 15.23 -28.42
CA VAL A 228 11.62 15.51 -28.19
CA VAL A 228 11.61 15.54 -28.23
C VAL A 228 12.43 14.27 -28.43
N GLY A 229 13.55 14.40 -29.12
CA GLY A 229 14.41 13.26 -29.38
C GLY A 229 15.01 12.80 -28.06
N ILE A 230 15.32 11.53 -27.97
CA ILE A 230 15.93 11.00 -26.76
C ILE A 230 17.27 11.70 -26.47
N VAL A 231 18.04 11.98 -27.52
CA VAL A 231 19.34 12.59 -27.30
C VAL A 231 19.16 13.99 -26.69
N THR A 232 18.17 14.74 -27.16
CA THR A 232 17.90 16.06 -26.62
C THR A 232 17.35 15.99 -25.20
N TYR A 233 16.42 15.06 -24.97
CA TYR A 233 15.86 14.86 -23.63
C TYR A 233 16.95 14.56 -22.62
N ASN A 234 17.85 13.67 -22.99
CA ASN A 234 18.87 13.23 -22.06
C ASN A 234 19.85 14.35 -21.66
N GLU A 235 20.15 15.24 -22.60
CA GLU A 235 20.96 16.41 -22.26
C GLU A 235 20.23 17.28 -21.26
N TRP A 236 18.95 17.53 -21.54
CA TRP A 236 18.08 18.28 -20.65
C TRP A 236 17.97 17.64 -19.26
N ALA A 237 17.86 16.31 -19.23
CA ALA A 237 17.71 15.56 -17.99
C ALA A 237 18.87 15.77 -17.02
N LEU A 238 20.09 15.83 -17.57
CA LEU A 238 21.28 16.02 -16.76
C LEU A 238 21.29 17.36 -16.03
N SER A 239 20.59 18.35 -16.57
CA SER A 239 20.54 19.67 -15.94
C SER A 239 19.31 19.87 -15.07
N ASN A 240 18.39 18.91 -15.08
CA ASN A 240 17.11 19.08 -14.39
C ASN A 240 16.74 17.95 -13.42
N GLN A 241 17.73 17.17 -12.99
CA GLN A 241 17.53 16.09 -12.01
C GLN A 241 16.52 15.01 -12.45
N PHE A 242 16.64 14.60 -13.71
CA PHE A 242 15.95 13.43 -14.23
C PHE A 242 17.00 12.43 -14.67
N THR A 243 16.66 11.15 -14.63
CA THR A 243 17.55 10.12 -15.17
C THR A 243 17.53 10.13 -16.69
N GLU A 244 18.65 9.68 -17.27
CA GLU A 244 18.77 9.36 -18.69
C GLU A 244 17.67 8.37 -19.10
N PHE A 245 17.06 8.56 -20.26
CA PHE A 245 16.06 7.58 -20.73
C PHE A 245 16.65 6.55 -21.68
N VAL A 246 16.37 5.28 -21.42
CA VAL A 246 16.74 4.19 -22.31
C VAL A 246 15.47 3.33 -22.49
N GLY A 247 15.04 3.16 -23.74
CA GLY A 247 13.77 2.51 -24.02
C GLY A 247 13.76 1.03 -23.70
N THR A 248 12.57 0.48 -23.47
CA THR A 248 12.41 -0.95 -23.24
C THR A 248 11.26 -1.50 -24.07
N GLN A 249 11.21 -2.83 -24.23
CA GLN A 249 10.10 -3.43 -24.96
C GLN A 249 8.76 -3.14 -24.27
N SER A 250 8.75 -3.10 -22.94
CA SER A 250 7.51 -2.83 -22.21
C SER A 250 6.96 -1.45 -22.53
N ILE A 251 7.84 -0.45 -22.60
CA ILE A 251 7.43 0.91 -22.93
C ILE A 251 6.91 0.95 -24.36
N ASP A 252 7.61 0.28 -25.27
CA ASP A 252 7.17 0.21 -26.68
C ASP A 252 5.75 -0.34 -26.80
N MET A 253 5.41 -1.33 -25.99
CA MET A 253 4.06 -1.91 -26.05
C MET A 253 2.99 -0.93 -25.52
N LEU A 254 3.34 -0.17 -24.50
CA LEU A 254 2.39 0.84 -23.99
C LEU A 254 2.20 1.93 -25.03
N ALA A 255 3.28 2.30 -25.72
CA ALA A 255 3.17 3.22 -26.85
C ALA A 255 2.22 2.66 -27.89
N HIS A 256 2.43 1.41 -28.26
CA HIS A 256 1.58 0.74 -29.24
C HIS A 256 0.12 0.74 -28.84
N ARG A 257 -0.13 0.40 -27.58
CA ARG A 257 -1.53 0.30 -27.12
C ARG A 257 -2.23 1.66 -27.11
N THR A 258 -1.47 2.73 -26.89
CA THR A 258 -2.10 4.03 -26.70
C THR A 258 -2.07 4.95 -27.92
N GLY A 259 -1.18 4.65 -28.87
CA GLY A 259 -1.00 5.51 -30.04
C GLY A 259 -0.19 6.76 -29.73
N VAL A 260 0.42 6.78 -28.56
CA VAL A 260 1.22 7.91 -28.12
C VAL A 260 2.69 7.51 -28.11
N SER A 261 3.54 8.27 -28.80
CA SER A 261 4.94 7.89 -28.92
C SER A 261 5.79 8.23 -27.69
N VAL A 262 6.89 7.52 -27.53
CA VAL A 262 7.80 7.79 -26.43
C VAL A 262 8.32 9.24 -26.48
N GLU A 263 8.55 9.74 -27.70
CA GLU A 263 9.03 11.12 -27.86
C GLU A 263 7.98 12.16 -27.44
N GLN A 264 6.70 11.87 -27.66
CA GLN A 264 5.64 12.71 -27.12
C GLN A 264 5.61 12.70 -25.59
N MET A 265 5.82 11.52 -25.01
CA MET A 265 5.81 11.41 -23.56
C MET A 265 7.00 12.15 -22.95
N LEU A 266 8.17 12.05 -23.57
CA LEU A 266 9.34 12.78 -23.07
C LEU A 266 9.13 14.29 -23.17
N ALA A 267 8.42 14.72 -24.21
CA ALA A 267 8.11 16.15 -24.37
C ALA A 267 7.13 16.60 -23.29
N ALA A 268 6.18 15.73 -22.96
CA ALA A 268 5.20 16.02 -21.93
C ALA A 268 5.89 16.18 -20.58
N ILE A 269 6.86 15.30 -20.30
CA ILE A 269 7.65 15.45 -19.07
C ILE A 269 8.31 16.82 -18.98
N GLN A 270 8.94 17.24 -20.07
CA GLN A 270 9.58 18.56 -20.07
C GLN A 270 8.57 19.69 -19.80
N SER A 271 7.40 19.59 -20.40
CA SER A 271 6.34 20.60 -20.19
C SER A 271 5.76 20.55 -18.77
N LEU A 272 5.42 19.36 -18.30
CA LEU A 272 4.83 19.20 -16.97
C LEU A 272 5.80 19.60 -15.86
N HIS A 273 7.09 19.40 -16.10
CA HIS A 273 8.10 19.83 -15.14
C HIS A 273 8.06 21.33 -14.98
N ALA A 274 7.72 22.04 -16.04
CA ALA A 274 7.64 23.51 -15.98
C ALA A 274 6.37 23.97 -15.28
N GLY A 275 5.36 23.10 -15.25
CA GLY A 275 4.12 23.41 -14.56
C GLY A 275 2.96 22.58 -15.07
N PHE A 276 2.07 22.21 -14.15
CA PHE A 276 0.88 21.44 -14.49
C PHE A 276 -0.28 22.31 -14.94
N GLN A 277 -0.11 23.62 -14.85
CA GLN A 277 -1.11 24.56 -15.34
C GLN A 277 -2.49 24.35 -14.70
N GLY A 278 -2.49 24.10 -13.38
CA GLY A 278 -3.72 23.99 -12.62
C GLY A 278 -4.51 22.73 -12.89
N LYS A 279 -3.91 21.80 -13.63
CA LYS A 279 -4.56 20.54 -13.97
C LYS A 279 -3.92 19.38 -13.20
N THR A 280 -4.58 18.22 -13.22
CA THR A 280 -4.07 17.05 -12.53
C THR A 280 -3.95 15.84 -13.44
N ILE A 281 -3.04 14.94 -13.09
CA ILE A 281 -2.94 13.64 -13.76
C ILE A 281 -3.15 12.53 -12.73
N LEU A 282 -4.20 11.73 -12.92
CA LEU A 282 -4.55 10.66 -11.99
C LEU A 282 -4.56 11.17 -10.55
N GLY A 283 -5.15 12.35 -10.34
CA GLY A 283 -5.27 12.92 -9.02
C GLY A 283 -4.09 13.71 -8.49
N GLN A 284 -2.97 13.72 -9.23
CA GLN A 284 -1.76 14.38 -8.75
C GLN A 284 -1.39 15.63 -9.56
N SER A 285 -0.70 16.56 -8.91
CA SER A 285 -0.20 17.76 -9.58
C SER A 285 1.32 17.81 -9.58
N THR A 286 1.93 16.65 -9.35
CA THR A 286 3.38 16.48 -9.40
C THR A 286 3.64 15.22 -10.21
N LEU A 287 4.82 15.11 -10.82
CA LEU A 287 5.13 13.90 -11.57
C LEU A 287 5.34 12.74 -10.61
N GLU A 288 4.79 11.59 -10.96
CA GLU A 288 4.93 10.37 -10.15
C GLU A 288 5.98 9.46 -10.77
N ASP A 289 7.02 9.12 -10.02
CA ASP A 289 8.09 8.28 -10.58
C ASP A 289 8.36 6.98 -9.80
N GLU A 290 7.41 6.51 -9.00
CA GLU A 290 7.65 5.28 -8.24
C GLU A 290 6.87 4.06 -8.75
N PHE A 291 6.10 4.23 -9.84
CA PHE A 291 5.58 3.07 -10.56
C PHE A 291 6.51 2.63 -11.69
N THR A 292 6.95 1.38 -11.68
CA THR A 292 7.74 0.86 -12.81
C THR A 292 6.84 0.46 -13.97
N PRO A 293 7.42 0.30 -15.17
CA PRO A 293 6.59 -0.23 -16.26
C PRO A 293 5.91 -1.56 -15.90
N ASP A 294 6.61 -2.44 -15.19
CA ASP A 294 5.99 -3.69 -14.71
C ASP A 294 4.79 -3.42 -13.79
N ASP A 295 4.94 -2.50 -12.84
CA ASP A 295 3.87 -2.16 -11.91
C ASP A 295 2.63 -1.69 -12.69
N VAL A 296 2.86 -0.80 -13.64
CA VAL A 296 1.78 -0.27 -14.46
C VAL A 296 1.11 -1.39 -15.25
N ASN A 297 1.92 -2.24 -15.88
CA ASN A 297 1.40 -3.35 -16.65
C ASN A 297 0.44 -4.22 -15.86
N MET A 298 0.76 -4.45 -14.58
CA MET A 298 -0.10 -5.28 -13.71
C MET A 298 -1.47 -4.65 -13.54
N GLN A 299 -1.51 -3.32 -13.51
CA GLN A 299 -2.75 -2.60 -13.24
C GLN A 299 -3.50 -2.14 -14.51
N VAL A 300 -2.91 -2.31 -15.69
CA VAL A 300 -3.64 -2.08 -16.94
C VAL A 300 -3.76 -3.36 -17.77
N MET A 301 -4.37 -3.25 -18.96
CA MET A 301 -4.95 -4.36 -19.80
C MET A 301 -6.36 -4.02 -20.24
N GLY A 302 -6.73 -2.78 -19.96
CA GLY A 302 -7.90 -2.21 -20.53
C GLY A 302 -7.56 -1.84 -21.94
N VAL A 303 -8.60 -1.58 -22.72
CA VAL A 303 -8.43 -1.12 -24.09
C VAL A 303 -8.39 0.41 -24.03
N VAL A 304 -7.55 1.06 -24.84
CA VAL A 304 -7.52 2.53 -24.82
C VAL A 304 -8.84 2.92 -25.48
N MET A 305 -9.48 3.95 -24.97
CA MET A 305 -10.74 4.41 -25.53
C MET A 305 -10.59 5.68 -26.39
N GLN A 306 -11.72 6.36 -26.61
CA GLN A 306 -11.84 7.45 -27.57
C GLN A 306 -11.01 8.69 -27.22
N SER B 1 10.19 8.58 11.23
CA SER B 1 9.39 9.59 10.55
C SER B 1 9.01 9.11 9.16
N GLY B 2 8.29 9.96 8.43
CA GLY B 2 7.78 9.60 7.11
C GLY B 2 6.29 9.27 7.18
N LEU B 3 5.58 9.50 6.08
CA LEU B 3 4.16 9.16 6.02
C LEU B 3 3.87 8.51 4.68
N VAL B 4 3.40 7.26 4.71
CA VAL B 4 3.04 6.56 3.49
C VAL B 4 1.66 5.95 3.61
N LYS B 5 1.03 5.65 2.48
CA LYS B 5 -0.23 4.90 2.53
C LYS B 5 0.06 3.46 2.98
N MET B 6 -0.46 3.12 4.14
CA MET B 6 -0.13 1.88 4.81
C MET B 6 -1.32 0.92 4.87
N SER B 7 -1.12 -0.34 4.50
CA SER B 7 -2.19 -1.33 4.58
C SER B 7 -1.96 -2.29 5.73
N ALA B 8 -3.03 -2.90 6.23
CA ALA B 8 -2.91 -3.93 7.25
C ALA B 8 -2.35 -5.19 6.62
N PRO B 9 -1.43 -5.86 7.31
CA PRO B 9 -0.83 -7.11 6.80
C PRO B 9 -1.92 -8.10 6.41
N SER B 10 -1.75 -8.81 5.31
CA SER B 10 -2.88 -9.53 4.69
C SER B 10 -2.96 -11.03 4.97
N GLY B 11 -2.00 -11.57 5.73
CA GLY B 11 -1.90 -13.01 5.87
C GLY B 11 -3.16 -13.71 6.34
N ALA B 12 -3.78 -13.15 7.36
CA ALA B 12 -4.97 -13.76 7.94
C ALA B 12 -6.11 -13.83 6.92
N VAL B 13 -6.17 -12.83 6.05
CA VAL B 13 -7.19 -12.75 5.00
C VAL B 13 -6.86 -13.69 3.83
N GLU B 14 -5.58 -13.75 3.47
CA GLU B 14 -5.15 -14.65 2.40
C GLU B 14 -5.64 -16.07 2.61
N ASN B 15 -5.60 -16.50 3.87
CA ASN B 15 -6.02 -17.84 4.25
C ASN B 15 -7.51 -18.10 4.01
N CYS B 16 -8.27 -17.07 3.66
CA CYS B 16 -9.71 -17.17 3.55
C CYS B 16 -10.25 -16.98 2.13
N ILE B 17 -9.35 -16.73 1.18
CA ILE B 17 -9.75 -16.48 -0.20
C ILE B 17 -9.93 -17.78 -0.98
N VAL B 18 -11.06 -17.88 -1.69
CA VAL B 18 -11.33 -19.03 -2.55
C VAL B 18 -11.78 -18.57 -3.93
N GLN B 19 -11.86 -19.50 -4.87
CA GLN B 19 -12.41 -19.22 -6.19
C GLN B 19 -13.81 -19.80 -6.23
N VAL B 20 -14.75 -19.06 -6.79
CA VAL B 20 -16.11 -19.56 -6.95
C VAL B 20 -16.46 -19.47 -8.42
N THR B 21 -17.07 -20.53 -8.94
CA THR B 21 -17.45 -20.58 -10.35
C THR B 21 -18.91 -21.00 -10.45
N CYS B 22 -19.66 -20.30 -11.28
CA CYS B 22 -21.05 -20.64 -11.57
C CYS B 22 -21.31 -20.45 -13.06
N GLY B 23 -21.53 -21.55 -13.77
CA GLY B 23 -21.63 -21.47 -15.21
C GLY B 23 -20.32 -20.93 -15.80
N SER B 24 -20.42 -19.95 -16.68
CA SER B 24 -19.22 -19.39 -17.32
C SER B 24 -18.55 -18.30 -16.50
N MET B 25 -19.17 -17.90 -15.40
CA MET B 25 -18.63 -16.82 -14.58
C MET B 25 -17.80 -17.38 -13.43
N THR B 26 -16.64 -16.79 -13.20
CA THR B 26 -15.84 -17.13 -12.04
C THR B 26 -15.40 -15.84 -11.35
N LEU B 27 -15.21 -15.91 -10.04
CA LEU B 27 -14.68 -14.78 -9.29
C LEU B 27 -14.17 -15.27 -7.94
N ASN B 28 -13.98 -14.35 -7.01
CA ASN B 28 -13.42 -14.70 -5.71
C ASN B 28 -14.48 -14.73 -4.63
N GLY B 29 -14.21 -15.55 -3.61
CA GLY B 29 -15.09 -15.65 -2.46
C GLY B 29 -14.31 -15.57 -1.17
N LEU B 30 -15.02 -15.31 -0.08
CA LEU B 30 -14.43 -15.29 1.25
C LEU B 30 -14.94 -16.47 2.06
N TRP B 31 -14.04 -17.33 2.53
CA TRP B 31 -14.42 -18.57 3.25
C TRP B 31 -14.14 -18.43 4.75
N LEU B 32 -15.20 -18.35 5.56
CA LEU B 32 -15.06 -18.27 7.01
C LEU B 32 -15.90 -19.34 7.62
N ASP B 33 -15.32 -20.16 8.49
CA ASP B 33 -16.07 -21.28 9.07
C ASP B 33 -16.67 -22.11 7.92
N ASN B 34 -17.98 -22.37 7.95
CA ASN B 34 -18.61 -23.19 6.92
C ASN B 34 -19.29 -22.35 5.85
N THR B 35 -18.91 -21.08 5.76
CA THR B 35 -19.60 -20.13 4.89
C THR B 35 -18.68 -19.56 3.83
N VAL B 36 -19.19 -19.42 2.59
CA VAL B 36 -18.45 -18.73 1.54
C VAL B 36 -19.29 -17.57 1.02
N TRP B 37 -18.73 -16.37 1.06
CA TRP B 37 -19.41 -15.20 0.52
C TRP B 37 -18.92 -14.86 -0.87
N CYS B 38 -19.83 -14.50 -1.78
CA CYS B 38 -19.39 -13.97 -3.06
C CYS B 38 -20.48 -13.08 -3.64
N PRO B 39 -20.15 -12.24 -4.63
CA PRO B 39 -21.18 -11.37 -5.21
C PRO B 39 -22.26 -12.19 -5.92
N ARG B 40 -23.51 -11.74 -5.86
CA ARG B 40 -24.56 -12.55 -6.47
C ARG B 40 -24.54 -12.50 -7.99
N HIS B 41 -23.84 -11.53 -8.59
CA HIS B 41 -23.82 -11.49 -10.05
C HIS B 41 -22.99 -12.63 -10.67
N ILE B 42 -22.45 -13.51 -9.84
CA ILE B 42 -21.84 -14.71 -10.38
C ILE B 42 -22.91 -15.57 -11.07
N MET B 43 -24.17 -15.42 -10.69
CA MET B 43 -25.23 -16.21 -11.30
C MET B 43 -25.68 -15.68 -12.67
N CYS B 44 -25.28 -14.46 -13.01
CA CYS B 44 -25.87 -13.77 -14.16
C CYS B 44 -25.14 -14.07 -15.46
N PRO B 45 -25.88 -14.52 -16.49
CA PRO B 45 -25.27 -14.73 -17.80
C PRO B 45 -24.83 -13.41 -18.41
N ALA B 46 -23.84 -13.45 -19.27
CA ALA B 46 -23.27 -12.24 -19.86
C ALA B 46 -24.30 -11.43 -20.66
N ASP B 47 -25.37 -12.08 -21.11
CA ASP B 47 -26.36 -11.41 -21.93
C ASP B 47 -27.50 -10.81 -21.12
N GLN B 48 -27.44 -10.94 -19.80
CA GLN B 48 -28.52 -10.45 -18.94
C GLN B 48 -28.01 -9.47 -17.88
N LEU B 49 -26.84 -8.92 -18.10
CA LEU B 49 -26.20 -8.08 -17.08
C LEU B 49 -26.89 -6.73 -16.91
N THR B 50 -27.62 -6.28 -17.92
CA THR B 50 -28.27 -4.96 -17.82
C THR B 50 -29.53 -5.00 -16.95
N ASP B 51 -30.14 -6.17 -16.82
CA ASP B 51 -31.36 -6.30 -16.03
C ASP B 51 -31.51 -7.71 -15.47
N PRO B 52 -30.64 -8.07 -14.53
CA PRO B 52 -30.71 -9.45 -14.06
C PRO B 52 -31.91 -9.64 -13.14
N ASN B 53 -32.55 -10.80 -13.26
CA ASN B 53 -33.59 -11.18 -12.32
C ASN B 53 -32.98 -12.11 -11.29
N TYR B 54 -32.39 -11.54 -10.25
CA TYR B 54 -31.63 -12.33 -9.30
C TYR B 54 -32.47 -13.35 -8.53
N ASP B 55 -33.75 -13.06 -8.29
CA ASP B 55 -34.60 -14.04 -7.61
C ASP B 55 -34.83 -15.26 -8.51
N ALA B 56 -35.06 -15.02 -9.79
CA ALA B 56 -35.26 -16.12 -10.73
C ALA B 56 -33.97 -16.90 -10.93
N LEU B 57 -32.85 -16.17 -11.07
CA LEU B 57 -31.55 -16.82 -11.19
C LEU B 57 -31.27 -17.71 -10.00
N LEU B 58 -31.56 -17.19 -8.81
CA LEU B 58 -31.35 -17.94 -7.58
C LEU B 58 -32.05 -19.29 -7.62
N ILE B 59 -33.31 -19.28 -8.01
CA ILE B 59 -34.12 -20.50 -8.02
C ILE B 59 -33.62 -21.51 -9.07
N SER B 60 -33.13 -21.00 -10.19
CA SER B 60 -32.65 -21.84 -11.28
C SER B 60 -31.33 -22.54 -10.93
N LYS B 61 -30.65 -22.00 -9.93
CA LYS B 61 -29.38 -22.58 -9.51
C LYS B 61 -29.63 -23.66 -8.48
N THR B 62 -28.74 -24.65 -8.49
CA THR B 62 -28.73 -25.67 -7.47
C THR B 62 -27.41 -25.57 -6.73
N ASN B 63 -27.28 -26.31 -5.63
CA ASN B 63 -26.02 -26.31 -4.88
C ASN B 63 -24.85 -26.75 -5.75
N HIS B 64 -25.12 -27.67 -6.67
CA HIS B 64 -24.06 -28.18 -7.52
C HIS B 64 -23.74 -27.24 -8.68
N SER B 65 -24.50 -26.15 -8.81
CA SER B 65 -24.22 -25.12 -9.80
C SER B 65 -22.96 -24.36 -9.42
N PHE B 66 -22.59 -24.44 -8.15
CA PHE B 66 -21.49 -23.65 -7.61
C PHE B 66 -20.27 -24.50 -7.33
N ILE B 67 -19.15 -24.17 -7.97
CA ILE B 67 -17.89 -24.86 -7.69
C ILE B 67 -16.97 -23.93 -6.93
N VAL B 68 -16.52 -24.38 -5.77
CA VAL B 68 -15.69 -23.60 -4.86
C VAL B 68 -14.37 -24.29 -4.62
N GLN B 69 -13.28 -23.60 -4.93
CA GLN B 69 -11.95 -24.19 -4.73
C GLN B 69 -11.00 -23.27 -4.02
N LYS B 70 -10.19 -23.84 -3.13
CA LYS B 70 -9.05 -23.12 -2.57
C LYS B 70 -7.78 -23.54 -3.29
N HIS B 71 -7.12 -22.58 -3.94
CA HIS B 71 -5.97 -22.88 -4.79
C HIS B 71 -4.63 -22.63 -4.09
N ILE B 72 -4.64 -21.91 -2.99
CA ILE B 72 -3.41 -21.62 -2.25
C ILE B 72 -3.41 -22.37 -0.93
N GLY B 73 -2.28 -22.32 -0.21
CA GLY B 73 -2.15 -22.98 1.08
C GLY B 73 -2.58 -24.42 1.01
N ALA B 74 -3.29 -24.88 2.05
CA ALA B 74 -3.86 -26.22 2.04
C ALA B 74 -5.00 -26.25 1.03
N GLN B 75 -4.72 -26.73 -0.18
CA GLN B 75 -5.71 -26.71 -1.26
C GLN B 75 -6.90 -27.61 -0.95
N ALA B 76 -8.06 -27.23 -1.48
CA ALA B 76 -9.29 -27.96 -1.18
C ALA B 76 -10.37 -27.73 -2.24
N ASN B 77 -11.23 -28.74 -2.40
CA ASN B 77 -12.43 -28.60 -3.21
C ASN B 77 -13.63 -28.72 -2.28
N LEU B 78 -14.42 -27.65 -2.20
CA LEU B 78 -15.45 -27.56 -1.17
C LEU B 78 -16.82 -27.84 -1.76
N ARG B 79 -17.59 -28.69 -1.08
CA ARG B 79 -18.94 -29.02 -1.54
C ARG B 79 -19.96 -28.04 -1.00
N VAL B 80 -20.72 -27.41 -1.88
CA VAL B 80 -21.77 -26.49 -1.46
C VAL B 80 -23.02 -27.28 -1.06
N VAL B 81 -23.53 -27.03 0.15
CA VAL B 81 -24.67 -27.77 0.65
C VAL B 81 -25.89 -26.88 0.93
N ALA B 82 -25.73 -25.58 0.75
CA ALA B 82 -26.87 -24.65 0.77
C ALA B 82 -26.45 -23.35 0.13
N HIS B 83 -27.43 -22.59 -0.38
CA HIS B 83 -27.13 -21.26 -0.92
C HIS B 83 -28.32 -20.35 -0.68
N SER B 84 -28.03 -19.10 -0.33
CA SER B 84 -29.12 -18.15 -0.12
C SER B 84 -28.66 -16.75 -0.44
N MET B 85 -29.63 -15.88 -0.66
CA MET B 85 -29.30 -14.52 -0.97
C MET B 85 -29.17 -13.61 0.25
N VAL B 86 -28.19 -12.73 0.19
CA VAL B 86 -27.96 -11.74 1.25
C VAL B 86 -27.70 -10.41 0.56
N GLY B 87 -28.78 -9.67 0.27
CA GLY B 87 -28.62 -8.45 -0.49
C GLY B 87 -27.95 -8.73 -1.82
N VAL B 88 -26.87 -8.02 -2.12
CA VAL B 88 -26.16 -8.22 -3.38
C VAL B 88 -25.07 -9.31 -3.26
N LEU B 89 -25.12 -10.08 -2.17
CA LEU B 89 -24.21 -11.21 -1.98
C LEU B 89 -24.94 -12.55 -2.06
N LEU B 90 -24.20 -13.61 -2.39
CA LEU B 90 -24.64 -14.98 -2.15
C LEU B 90 -23.93 -15.49 -0.92
N LYS B 91 -24.65 -16.19 -0.07
CA LYS B 91 -24.06 -16.89 1.05
C LYS B 91 -24.14 -18.38 0.74
N LEU B 92 -22.99 -19.01 0.53
CA LEU B 92 -22.95 -20.45 0.29
C LEU B 92 -22.54 -21.12 1.57
N THR B 93 -23.22 -22.21 1.90
CA THR B 93 -22.73 -23.07 2.98
C THR B 93 -21.93 -24.21 2.36
N VAL B 94 -20.76 -24.50 2.90
CA VAL B 94 -19.92 -25.59 2.41
C VAL B 94 -19.72 -26.65 3.51
N ASP B 95 -19.30 -27.84 3.11
CA ASP B 95 -19.28 -28.97 4.03
C ASP B 95 -18.05 -29.03 4.92
N VAL B 96 -17.07 -28.16 4.66
CA VAL B 96 -15.84 -28.14 5.45
C VAL B 96 -15.61 -26.75 6.03
N ALA B 97 -15.28 -26.69 7.31
CA ALA B 97 -14.97 -25.42 7.98
C ALA B 97 -13.56 -24.99 7.62
N ASN B 98 -13.37 -23.72 7.32
CA ASN B 98 -12.02 -23.24 7.04
C ASN B 98 -11.19 -23.35 8.31
N PRO B 99 -10.16 -24.23 8.30
CA PRO B 99 -9.34 -24.44 9.50
C PRO B 99 -8.52 -23.23 9.87
N SER B 100 -8.35 -22.29 8.95
CA SER B 100 -7.58 -21.09 9.22
C SER B 100 -8.48 -19.85 9.33
N THR B 101 -9.72 -20.05 9.81
CA THR B 101 -10.60 -18.92 10.06
C THR B 101 -10.03 -18.08 11.20
N PRO B 102 -9.74 -16.79 10.94
CA PRO B 102 -9.24 -15.91 12.00
C PRO B 102 -10.36 -15.46 12.91
N ALA B 103 -10.05 -14.88 14.06
CA ALA B 103 -11.08 -14.19 14.81
C ALA B 103 -11.58 -13.06 13.93
N TYR B 104 -12.89 -12.91 13.79
CA TYR B 104 -13.38 -11.86 12.90
C TYR B 104 -14.69 -11.19 13.32
N THR B 105 -14.90 -10.02 12.74
CA THR B 105 -16.08 -9.19 12.93
CA THR B 105 -16.16 -9.27 12.90
C THR B 105 -16.52 -8.67 11.55
N PHE B 106 -17.75 -8.17 11.44
CA PHE B 106 -18.22 -7.45 10.26
C PHE B 106 -18.55 -6.02 10.66
N SER B 107 -18.25 -5.04 9.81
CA SER B 107 -18.85 -3.72 10.03
C SER B 107 -19.02 -2.99 8.72
N THR B 108 -19.77 -1.89 8.77
CA THR B 108 -20.00 -1.04 7.60
CA THR B 108 -20.02 -1.04 7.60
C THR B 108 -19.36 0.32 7.84
N VAL B 109 -18.37 0.67 7.03
CA VAL B 109 -17.63 1.92 7.24
C VAL B 109 -18.38 3.13 6.68
N LYS B 110 -18.05 4.30 7.20
CA LYS B 110 -18.69 5.56 6.81
C LYS B 110 -17.81 6.35 5.85
N PRO B 111 -18.41 7.25 5.07
CA PRO B 111 -17.62 8.16 4.24
C PRO B 111 -16.51 8.84 5.04
N GLY B 112 -15.29 8.83 4.49
CA GLY B 112 -14.13 9.38 5.18
C GLY B 112 -13.28 8.34 5.89
N ALA B 113 -13.77 7.10 5.97
CA ALA B 113 -13.01 6.03 6.64
C ALA B 113 -12.12 5.28 5.67
N SER B 114 -10.99 4.79 6.17
CA SER B 114 -10.07 4.04 5.32
C SER B 114 -10.16 2.55 5.65
N PHE B 115 -9.73 1.71 4.71
CA PHE B 115 -9.61 0.28 4.96
C PHE B 115 -8.65 -0.34 3.95
N SER B 116 -8.22 -1.56 4.25
CA SER B 116 -7.29 -2.26 3.38
C SER B 116 -8.02 -3.18 2.43
N VAL B 117 -7.48 -3.35 1.23
CA VAL B 117 -8.09 -4.24 0.25
C VAL B 117 -7.09 -5.30 -0.16
N LEU B 118 -7.50 -6.56 -0.12
CA LEU B 118 -6.73 -7.63 -0.74
C LEU B 118 -7.34 -7.92 -2.10
N ALA B 119 -6.67 -7.48 -3.17
CA ALA B 119 -7.14 -7.73 -4.53
C ALA B 119 -6.81 -9.15 -4.91
N CYS B 120 -7.79 -9.86 -5.49
CA CYS B 120 -7.67 -11.27 -5.84
C CYS B 120 -8.12 -11.53 -7.28
N TYR B 121 -7.57 -12.56 -7.92
CA TYR B 121 -7.99 -13.02 -9.25
C TYR B 121 -7.93 -14.53 -9.28
N ASN B 122 -9.00 -15.17 -9.75
CA ASN B 122 -9.10 -16.64 -9.80
C ASN B 122 -8.83 -17.28 -8.45
N GLY B 123 -9.24 -16.60 -7.40
CA GLY B 123 -9.06 -17.11 -6.05
C GLY B 123 -7.64 -17.00 -5.54
N LYS B 124 -6.82 -16.22 -6.21
CA LYS B 124 -5.43 -15.99 -5.77
C LYS B 124 -5.20 -14.54 -5.34
N PRO B 125 -4.80 -14.32 -4.08
CA PRO B 125 -4.43 -12.96 -3.66
C PRO B 125 -3.29 -12.42 -4.51
N THR B 126 -3.42 -11.20 -5.01
CA THR B 126 -2.44 -10.64 -5.93
CA THR B 126 -2.41 -10.65 -5.92
C THR B 126 -1.84 -9.32 -5.46
N GLY B 127 -2.60 -8.55 -4.68
CA GLY B 127 -2.13 -7.25 -4.26
C GLY B 127 -2.88 -6.72 -3.04
N VAL B 128 -2.22 -5.80 -2.32
CA VAL B 128 -2.79 -5.16 -1.15
C VAL B 128 -2.64 -3.66 -1.31
N PHE B 129 -3.69 -2.92 -1.00
CA PHE B 129 -3.64 -1.47 -1.00
C PHE B 129 -4.70 -0.92 -0.07
N THR B 130 -4.62 0.38 0.24
CA THR B 130 -5.62 1.02 1.11
CA THR B 130 -5.65 1.01 1.09
C THR B 130 -6.47 2.01 0.31
N VAL B 131 -7.75 2.11 0.67
CA VAL B 131 -8.63 3.09 0.07
C VAL B 131 -9.37 3.85 1.15
N ASN B 132 -10.09 4.88 0.74
CA ASN B 132 -10.91 5.66 1.65
C ASN B 132 -12.30 5.70 1.05
N LEU B 133 -13.35 5.47 1.86
CA LEU B 133 -14.70 5.62 1.33
C LEU B 133 -14.95 7.10 1.04
N ARG B 134 -15.25 7.40 -0.22
CA ARG B 134 -15.46 8.76 -0.66
C ARG B 134 -16.79 9.32 -0.15
N HIS B 135 -16.95 10.63 -0.29
CA HIS B 135 -18.17 11.29 0.18
C HIS B 135 -19.41 10.69 -0.48
N ASN B 136 -19.28 10.23 -1.71
CA ASN B 136 -20.42 9.61 -2.41
C ASN B 136 -20.44 8.10 -2.27
N SER B 137 -19.72 7.59 -1.28
CA SER B 137 -19.61 6.16 -0.99
C SER B 137 -19.13 5.30 -2.15
N THR B 138 -18.26 5.84 -2.99
CA THR B 138 -17.49 5.02 -3.93
C THR B 138 -16.09 4.84 -3.32
N ILE B 139 -15.25 3.99 -3.91
CA ILE B 139 -13.83 4.02 -3.57
C ILE B 139 -13.04 4.22 -4.85
N LYS B 140 -11.85 4.81 -4.70
CA LYS B 140 -10.94 4.99 -5.82
C LYS B 140 -9.83 3.95 -5.69
N GLY B 141 -10.07 2.77 -6.21
CA GLY B 141 -9.11 1.70 -6.05
C GLY B 141 -8.48 1.33 -7.37
N SER B 142 -8.08 0.07 -7.46
CA SER B 142 -7.51 -0.51 -8.66
C SER B 142 -7.98 -1.94 -8.78
N PHE B 143 -8.91 -2.16 -9.71
CA PHE B 143 -9.56 -3.46 -9.90
C PHE B 143 -9.75 -3.74 -11.40
N LEU B 144 -9.54 -4.99 -11.79
CA LEU B 144 -9.74 -5.41 -13.18
C LEU B 144 -10.84 -6.43 -13.19
N CYS B 145 -11.34 -6.75 -14.38
CA CYS B 145 -12.34 -7.80 -14.48
C CYS B 145 -11.74 -9.09 -13.91
N GLY B 146 -12.53 -9.82 -13.12
CA GLY B 146 -12.05 -10.99 -12.42
C GLY B 146 -11.70 -10.70 -10.98
N SER B 147 -11.70 -9.43 -10.61
CA SER B 147 -11.40 -9.00 -9.24
C SER B 147 -12.63 -9.00 -8.32
N CYS B 148 -13.82 -9.25 -8.87
CA CYS B 148 -15.01 -9.21 -8.05
C CYS B 148 -14.90 -10.23 -6.92
N GLY B 149 -15.35 -9.85 -5.74
CA GLY B 149 -15.17 -10.74 -4.60
C GLY B 149 -13.93 -10.42 -3.79
N SER B 150 -13.06 -9.54 -4.31
CA SER B 150 -11.91 -9.07 -3.54
C SER B 150 -12.38 -8.43 -2.24
N VAL B 151 -11.56 -8.50 -1.20
CA VAL B 151 -12.03 -8.28 0.17
C VAL B 151 -11.41 -7.06 0.87
N GLY B 152 -12.25 -6.20 1.43
CA GLY B 152 -11.77 -5.07 2.21
C GLY B 152 -11.91 -5.32 3.71
N TYR B 153 -10.92 -4.87 4.49
CA TYR B 153 -10.85 -5.20 5.91
C TYR B 153 -10.04 -4.19 6.72
N THR B 154 -10.26 -4.21 8.03
CA THR B 154 -9.40 -3.50 8.97
C THR B 154 -8.98 -4.50 10.05
N GLU B 155 -8.11 -4.08 10.97
CA GLU B 155 -7.67 -4.93 12.07
C GLU B 155 -7.96 -4.26 13.42
N ASN B 156 -8.62 -4.98 14.32
CA ASN B 156 -8.95 -4.49 15.66
C ASN B 156 -8.44 -5.43 16.78
N GLY B 157 -7.13 -5.51 16.96
CA GLY B 157 -6.57 -6.28 18.07
C GLY B 157 -6.55 -7.79 17.91
N GLY B 158 -5.92 -8.26 16.86
CA GLY B 158 -5.90 -9.68 16.58
C GLY B 158 -7.23 -10.17 16.03
N VAL B 159 -8.08 -9.24 15.60
CA VAL B 159 -9.39 -9.56 15.02
C VAL B 159 -9.47 -8.94 13.63
N ILE B 160 -9.87 -9.70 12.61
CA ILE B 160 -10.03 -9.10 11.28
C ILE B 160 -11.47 -8.61 11.15
N ASN B 161 -11.63 -7.34 10.81
CA ASN B 161 -12.95 -6.74 10.65
C ASN B 161 -13.25 -6.55 9.17
N PHE B 162 -14.13 -7.38 8.62
CA PHE B 162 -14.42 -7.37 7.19
C PHE B 162 -15.47 -6.31 6.88
N VAL B 163 -15.20 -5.45 5.90
CA VAL B 163 -16.05 -4.30 5.65
C VAL B 163 -16.46 -4.13 4.19
N TYR B 164 -15.87 -4.91 3.30
CA TYR B 164 -16.08 -4.66 1.86
C TYR B 164 -15.85 -5.92 1.03
N MET B 165 -16.75 -6.16 0.09
CA MET B 165 -16.51 -7.17 -0.91
C MET B 165 -16.74 -6.54 -2.27
N HIS B 166 -15.74 -6.61 -3.13
CA HIS B 166 -15.78 -5.85 -4.38
C HIS B 166 -16.89 -6.33 -5.32
N GLN B 167 -17.67 -5.38 -5.84
CA GLN B 167 -18.78 -5.71 -6.72
C GLN B 167 -18.64 -5.23 -8.16
N MET B 168 -18.20 -3.99 -8.35
CA MET B 168 -18.26 -3.42 -9.70
C MET B 168 -17.41 -2.19 -9.91
N GLU B 169 -17.12 -1.94 -11.19
CA GLU B 169 -16.49 -0.68 -11.58
C GLU B 169 -17.54 0.27 -12.14
N LEU B 170 -17.58 1.49 -11.64
CA LEU B 170 -18.65 2.44 -12.01
C LEU B 170 -18.22 3.35 -13.15
N SER B 171 -16.93 3.71 -13.15
CA SER B 171 -16.32 4.52 -14.20
C SER B 171 -14.81 4.40 -14.01
N ASN B 172 -14.01 5.08 -14.83
CA ASN B 172 -12.55 4.95 -14.68
C ASN B 172 -12.11 5.18 -13.24
N GLY B 173 -11.37 4.22 -12.69
CA GLY B 173 -10.81 4.35 -11.37
C GLY B 173 -11.83 4.53 -10.25
N THR B 174 -13.08 4.19 -10.52
CA THR B 174 -14.13 4.41 -9.54
C THR B 174 -14.92 3.12 -9.32
N HIS B 175 -15.00 2.70 -8.07
CA HIS B 175 -15.50 1.36 -7.74
C HIS B 175 -16.46 1.38 -6.58
N THR B 176 -17.27 0.33 -6.46
CA THR B 176 -17.97 0.11 -5.21
C THR B 176 -18.20 -1.38 -4.96
N GLY B 177 -18.75 -1.68 -3.80
CA GLY B 177 -18.89 -3.05 -3.36
C GLY B 177 -19.88 -3.03 -2.21
N SER B 178 -20.02 -4.16 -1.53
CA SER B 178 -20.97 -4.24 -0.43
C SER B 178 -20.31 -4.62 0.88
N SER B 179 -20.91 -4.18 1.99
CA SER B 179 -20.52 -4.77 3.26
C SER B 179 -21.13 -6.16 3.33
N PHE B 180 -20.81 -6.92 4.38
CA PHE B 180 -21.19 -8.32 4.39
C PHE B 180 -22.60 -8.55 4.92
N ASP B 181 -23.30 -7.46 5.21
CA ASP B 181 -24.76 -7.50 5.35
C ASP B 181 -25.42 -7.52 3.97
N GLY B 182 -24.63 -7.37 2.91
CA GLY B 182 -25.16 -7.39 1.56
C GLY B 182 -25.70 -6.06 1.09
N VAL B 183 -25.42 -5.01 1.85
CA VAL B 183 -25.85 -3.67 1.45
C VAL B 183 -24.76 -2.99 0.60
N MET B 184 -25.11 -2.54 -0.60
CA MET B 184 -24.11 -1.89 -1.45
C MET B 184 -23.71 -0.53 -0.89
N TYR B 185 -22.42 -0.23 -0.92
CA TYR B 185 -21.99 1.11 -0.57
C TYR B 185 -22.46 2.09 -1.63
N GLY B 186 -23.16 3.14 -1.20
CA GLY B 186 -23.60 4.17 -2.13
C GLY B 186 -24.89 3.82 -2.83
N ALA B 187 -25.37 4.77 -3.61
CA ALA B 187 -26.61 4.62 -4.34
C ALA B 187 -26.39 3.86 -5.63
N PHE B 188 -26.03 2.58 -5.53
CA PHE B 188 -25.72 1.78 -6.71
C PHE B 188 -26.32 0.39 -6.70
N GLU B 189 -26.74 -0.05 -7.87
CA GLU B 189 -27.35 -1.35 -8.06
C GLU B 189 -26.39 -2.25 -8.82
N ASP B 190 -26.42 -3.54 -8.51
CA ASP B 190 -25.53 -4.49 -9.19
C ASP B 190 -26.15 -4.91 -10.53
N LYS B 191 -26.13 -3.96 -11.46
CA LYS B 191 -26.53 -4.23 -12.84
C LYS B 191 -25.63 -3.40 -13.75
N GLN B 192 -25.58 -3.78 -15.03
CA GLN B 192 -24.68 -3.13 -15.98
C GLN B 192 -25.39 -2.00 -16.68
N THR B 193 -25.58 -0.91 -15.95
CA THR B 193 -26.16 0.31 -16.50
C THR B 193 -25.34 1.48 -16.01
N HIS B 194 -25.38 2.60 -16.72
CA HIS B 194 -24.71 3.79 -16.23
C HIS B 194 -25.53 4.39 -15.08
N GLN B 195 -24.87 4.62 -13.96
CA GLN B 195 -25.54 5.13 -12.78
C GLN B 195 -24.90 6.43 -12.38
N LEU B 196 -25.72 7.38 -11.94
CA LEU B 196 -25.20 8.69 -11.59
C LEU B 196 -24.46 8.65 -10.27
N GLN B 197 -23.31 9.29 -10.23
CA GLN B 197 -22.58 9.45 -8.99
C GLN B 197 -22.87 10.81 -8.40
N LEU B 198 -23.30 10.83 -7.14
CA LEU B 198 -23.43 12.08 -6.40
C LEU B 198 -22.07 12.77 -6.31
N THR B 199 -22.09 14.09 -6.13
CA THR B 199 -20.85 14.85 -6.09
C THR B 199 -19.91 14.42 -4.96
N ASP B 200 -18.65 14.21 -5.29
CA ASP B 200 -17.65 13.90 -4.27
C ASP B 200 -17.16 15.18 -3.61
N LYS B 201 -16.57 15.07 -2.43
CA LYS B 201 -16.05 16.21 -1.68
C LYS B 201 -14.71 15.85 -1.04
N TYR B 202 -13.88 16.85 -0.78
CA TYR B 202 -12.70 16.64 0.06
C TYR B 202 -13.14 16.41 1.49
N CYS B 203 -12.62 15.37 2.14
CA CYS B 203 -12.93 15.11 3.53
C CYS B 203 -12.08 16.04 4.41
N THR B 204 -12.72 17.04 5.01
CA THR B 204 -11.99 18.10 5.70
C THR B 204 -11.19 17.56 6.89
N ILE B 205 -11.77 16.66 7.68
CA ILE B 205 -11.09 16.21 8.89
C ILE B 205 -9.85 15.38 8.53
N ASN B 206 -9.90 14.69 7.40
CA ASN B 206 -8.72 13.97 6.92
C ASN B 206 -7.63 14.91 6.45
N VAL B 207 -8.04 15.99 5.77
CA VAL B 207 -7.05 16.96 5.28
C VAL B 207 -6.34 17.60 6.46
N VAL B 208 -7.12 17.96 7.46
CA VAL B 208 -6.59 18.49 8.72
C VAL B 208 -5.58 17.54 9.36
N ALA B 209 -5.93 16.26 9.40
CA ALA B 209 -5.06 15.26 10.00
C ALA B 209 -3.74 15.18 9.25
N TRP B 210 -3.84 15.25 7.92
CA TRP B 210 -2.66 15.24 7.04
C TRP B 210 -1.77 16.46 7.28
N LEU B 211 -2.39 17.63 7.48
CA LEU B 211 -1.61 18.83 7.75
C LEU B 211 -0.88 18.69 9.08
N TYR B 212 -1.56 18.11 10.08
CA TYR B 212 -0.92 17.84 11.36
C TYR B 212 0.24 16.85 11.22
N ALA B 213 0.04 15.80 10.43
CA ALA B 213 1.13 14.87 10.13
C ALA B 213 2.32 15.60 9.51
N ALA B 214 2.02 16.49 8.58
CA ALA B 214 3.06 17.27 7.92
C ALA B 214 3.86 18.06 8.94
N VAL B 215 3.15 18.68 9.88
CA VAL B 215 3.82 19.47 10.91
C VAL B 215 4.73 18.61 11.79
N LEU B 216 4.23 17.43 12.18
CA LEU B 216 5.02 16.52 13.01
C LEU B 216 6.20 15.93 12.23
N ASN B 217 6.18 16.09 10.91
CA ASN B 217 7.27 15.66 10.04
C ASN B 217 8.11 16.84 9.55
N GLY B 218 7.99 17.98 10.24
CA GLY B 218 8.83 19.12 9.96
C GLY B 218 8.43 19.99 8.78
N CYS B 219 7.22 19.79 8.27
CA CYS B 219 6.69 20.65 7.21
C CYS B 219 5.67 21.60 7.81
N LYS B 220 5.97 22.89 7.80
CA LYS B 220 5.16 23.85 8.55
C LYS B 220 5.02 25.21 7.87
N TRP B 221 5.50 25.34 6.64
CA TRP B 221 5.51 26.64 5.96
C TRP B 221 4.10 27.19 5.76
N PHE B 222 3.13 26.30 5.66
CA PHE B 222 1.74 26.67 5.43
C PHE B 222 1.04 27.12 6.71
N VAL B 223 1.70 26.96 7.85
CA VAL B 223 1.07 27.36 9.10
C VAL B 223 1.29 28.85 9.35
N LYS B 224 0.19 29.61 9.32
CA LYS B 224 0.21 31.05 9.55
C LYS B 224 -0.55 31.38 10.83
N PRO B 225 -0.43 32.63 11.31
CA PRO B 225 -1.26 32.99 12.47
C PRO B 225 -2.75 33.12 12.13
N THR B 226 -3.09 33.26 10.86
CA THR B 226 -4.49 33.32 10.42
C THR B 226 -5.33 32.17 10.98
N ARG B 227 -6.53 32.52 11.47
CA ARG B 227 -7.44 31.55 12.10
C ARG B 227 -8.87 31.76 11.64
N VAL B 228 -9.53 30.68 11.24
CA VAL B 228 -10.92 30.75 10.79
C VAL B 228 -11.78 29.83 11.64
N GLY B 229 -12.80 30.39 12.28
CA GLY B 229 -13.69 29.63 13.14
C GLY B 229 -14.41 28.52 12.40
N ILE B 230 -14.85 27.52 13.14
CA ILE B 230 -15.46 26.33 12.56
C ILE B 230 -16.74 26.66 11.79
N VAL B 231 -17.60 27.50 12.38
CA VAL B 231 -18.86 27.86 11.72
C VAL B 231 -18.61 28.54 10.38
N THR B 232 -17.67 29.49 10.37
CA THR B 232 -17.33 30.21 9.15
C THR B 232 -16.75 29.30 8.08
N TYR B 233 -15.82 28.42 8.48
CA TYR B 233 -15.26 27.47 7.53
C TYR B 233 -16.37 26.59 6.96
N ASN B 234 -17.28 26.14 7.81
CA ASN B 234 -18.33 25.23 7.35
C ASN B 234 -19.26 25.88 6.36
N GLU B 235 -19.44 27.19 6.46
CA GLU B 235 -20.17 27.97 5.45
C GLU B 235 -19.42 27.95 4.14
N TRP B 236 -18.13 28.25 4.22
CA TRP B 236 -17.24 28.26 3.06
C TRP B 236 -17.20 26.88 2.38
N ALA B 237 -17.19 25.83 3.20
CA ALA B 237 -17.05 24.46 2.71
C ALA B 237 -18.20 24.05 1.79
N LEU B 238 -19.42 24.41 2.17
CA LEU B 238 -20.62 24.08 1.40
C LEU B 238 -20.54 24.55 -0.05
N SER B 239 -19.75 25.59 -0.30
CA SER B 239 -19.63 26.17 -1.62
C SER B 239 -18.32 25.82 -2.31
N ASN B 240 -17.47 25.03 -1.64
CA ASN B 240 -16.16 24.75 -2.21
C ASN B 240 -15.83 23.26 -2.19
N GLN B 241 -16.87 22.45 -2.07
CA GLN B 241 -16.78 21.00 -2.16
C GLN B 241 -15.88 20.38 -1.09
N PHE B 242 -16.02 20.88 0.14
CA PHE B 242 -15.39 20.27 1.30
C PHE B 242 -16.48 19.85 2.26
N THR B 243 -16.26 18.75 2.99
CA THR B 243 -17.19 18.33 4.03
C THR B 243 -17.16 19.30 5.20
N GLU B 244 -18.23 19.33 5.99
CA GLU B 244 -18.25 20.19 7.17
C GLU B 244 -17.33 19.61 8.22
N PHE B 245 -16.62 20.48 8.93
CA PHE B 245 -15.75 20.02 9.99
C PHE B 245 -16.53 19.75 11.27
N VAL B 246 -16.28 18.58 11.85
CA VAL B 246 -16.78 18.27 13.19
C VAL B 246 -15.63 17.73 14.03
N GLY B 247 -15.25 18.47 15.06
CA GLY B 247 -14.14 18.10 15.92
C GLY B 247 -14.28 16.75 16.61
N THR B 248 -13.14 16.10 16.83
CA THR B 248 -13.08 14.84 17.56
C THR B 248 -11.89 14.89 18.50
N GLN B 249 -11.80 13.91 19.40
CA GLN B 249 -10.68 13.89 20.35
C GLN B 249 -9.37 13.67 19.61
N SER B 250 -9.34 12.71 18.69
CA SER B 250 -8.28 12.71 17.69
C SER B 250 -8.53 13.97 16.90
N ILE B 251 -7.45 14.65 16.52
CA ILE B 251 -7.41 16.03 16.02
C ILE B 251 -7.20 16.94 17.21
N ASP B 252 -8.00 16.78 18.27
CA ASP B 252 -7.76 17.57 19.50
C ASP B 252 -6.40 17.19 20.08
N MET B 253 -6.15 15.89 20.16
CA MET B 253 -4.86 15.38 20.62
C MET B 253 -3.73 15.80 19.69
N LEU B 254 -3.98 15.76 18.39
CA LEU B 254 -2.99 16.22 17.43
C LEU B 254 -2.78 17.72 17.58
N ALA B 255 -3.86 18.45 17.87
CA ALA B 255 -3.75 19.88 18.06
C ALA B 255 -2.97 20.19 19.33
N HIS B 256 -3.14 19.39 20.38
CA HIS B 256 -2.41 19.61 21.62
C HIS B 256 -0.95 19.24 21.48
N ARG B 257 -0.69 18.06 20.93
CA ARG B 257 0.69 17.61 20.71
C ARG B 257 1.48 18.62 19.89
N THR B 258 0.84 19.24 18.91
CA THR B 258 1.57 20.14 18.03
C THR B 258 1.43 21.61 18.43
N GLY B 259 0.46 21.89 19.29
CA GLY B 259 0.19 23.25 19.73
C GLY B 259 -0.47 24.15 18.69
N VAL B 260 -0.88 23.56 17.56
CA VAL B 260 -1.51 24.33 16.48
C VAL B 260 -3.01 24.06 16.47
N SER B 261 -3.80 25.14 16.46
CA SER B 261 -5.23 25.03 16.58
C SER B 261 -5.89 24.53 15.29
N VAL B 262 -7.07 23.96 15.43
CA VAL B 262 -7.92 23.60 14.31
C VAL B 262 -8.15 24.80 13.39
N GLU B 263 -8.43 25.97 13.96
CA GLU B 263 -8.74 27.17 13.19
C GLU B 263 -7.59 27.60 12.30
N GLN B 264 -6.37 27.36 12.76
CA GLN B 264 -5.20 27.64 11.95
C GLN B 264 -5.13 26.68 10.77
N MET B 265 -5.57 25.45 10.99
CA MET B 265 -5.51 24.43 9.95
C MET B 265 -6.61 24.66 8.93
N LEU B 266 -7.81 24.96 9.41
CA LEU B 266 -8.93 25.31 8.53
C LEU B 266 -8.59 26.54 7.70
N ALA B 267 -7.88 27.48 8.31
CA ALA B 267 -7.42 28.66 7.58
C ALA B 267 -6.45 28.24 6.49
N ALA B 268 -5.54 27.33 6.82
CA ALA B 268 -4.56 26.87 5.85
C ALA B 268 -5.23 26.17 4.68
N ILE B 269 -6.27 25.39 4.97
CA ILE B 269 -7.00 24.68 3.91
C ILE B 269 -7.55 25.67 2.88
N GLN B 270 -8.19 26.73 3.37
CA GLN B 270 -8.75 27.74 2.48
C GLN B 270 -7.67 28.31 1.56
N SER B 271 -6.51 28.60 2.12
CA SER B 271 -5.41 29.17 1.36
C SER B 271 -4.82 28.18 0.36
N LEU B 272 -4.63 26.94 0.79
CA LEU B 272 -4.03 25.95 -0.08
C LEU B 272 -4.99 25.54 -1.18
N HIS B 273 -6.28 25.58 -0.89
CA HIS B 273 -7.30 25.28 -1.89
C HIS B 273 -7.21 26.27 -3.05
N ALA B 274 -6.82 27.50 -2.74
CA ALA B 274 -6.59 28.51 -3.77
C ALA B 274 -5.35 28.18 -4.58
N GLY B 275 -4.33 27.61 -3.93
CA GLY B 275 -3.11 27.22 -4.62
C GLY B 275 -1.94 27.02 -3.67
N PHE B 276 -1.06 26.07 -4.00
CA PHE B 276 0.11 25.78 -3.17
C PHE B 276 1.24 26.75 -3.45
N GLN B 277 1.16 27.41 -4.61
CA GLN B 277 2.08 28.47 -5.01
C GLN B 277 3.51 27.98 -5.16
N GLY B 278 3.67 26.81 -5.74
CA GLY B 278 5.00 26.30 -6.05
C GLY B 278 5.62 25.47 -4.94
N LYS B 279 5.17 25.69 -3.70
CA LYS B 279 5.68 24.89 -2.58
C LYS B 279 4.95 23.56 -2.51
N THR B 280 5.51 22.63 -1.75
CA THR B 280 4.89 21.32 -1.56
C THR B 280 4.73 20.97 -0.08
N ILE B 281 3.83 20.03 0.18
CA ILE B 281 3.63 19.50 1.51
C ILE B 281 3.78 18.00 1.44
N LEU B 282 4.71 17.46 2.22
CA LEU B 282 5.04 16.02 2.15
C LEU B 282 5.18 15.54 0.70
N GLY B 283 5.74 16.40 -0.15
CA GLY B 283 5.98 16.04 -1.54
C GLY B 283 4.80 16.24 -2.49
N GLN B 284 3.66 16.70 -1.97
CA GLN B 284 2.48 16.88 -2.83
C GLN B 284 2.14 18.34 -3.09
N SER B 285 1.45 18.58 -4.20
CA SER B 285 0.98 19.91 -4.59
C SER B 285 -0.54 19.99 -4.59
N THR B 286 -1.18 18.95 -4.06
CA THR B 286 -2.62 18.94 -3.87
C THR B 286 -2.94 18.52 -2.46
N LEU B 287 -4.10 18.94 -1.95
CA LEU B 287 -4.54 18.48 -0.64
C LEU B 287 -4.81 16.98 -0.66
N GLU B 288 -4.26 16.29 0.32
CA GLU B 288 -4.47 14.85 0.51
C GLU B 288 -5.58 14.59 1.54
N ASP B 289 -6.61 13.83 1.19
CA ASP B 289 -7.71 13.64 2.12
C ASP B 289 -8.07 12.19 2.42
N GLU B 290 -7.14 11.26 2.17
CA GLU B 290 -7.44 9.85 2.42
C GLU B 290 -6.64 9.26 3.60
N PHE B 291 -5.95 10.11 4.37
CA PHE B 291 -5.44 9.71 5.69
C PHE B 291 -6.42 10.17 6.78
N THR B 292 -6.93 9.22 7.57
CA THR B 292 -7.76 9.54 8.74
C THR B 292 -6.90 9.98 9.92
N PRO B 293 -7.52 10.63 10.91
CA PRO B 293 -6.77 10.95 12.14
C PRO B 293 -6.10 9.71 12.75
N ASP B 294 -6.82 8.59 12.79
CA ASP B 294 -6.26 7.34 13.28
C ASP B 294 -5.08 6.86 12.44
N ASP B 295 -5.19 6.95 11.11
CA ASP B 295 -4.08 6.57 10.23
C ASP B 295 -2.85 7.40 10.57
N VAL B 296 -3.06 8.69 10.77
CA VAL B 296 -1.96 9.60 11.06
C VAL B 296 -1.36 9.28 12.43
N ASN B 297 -2.22 9.09 13.42
CA ASN B 297 -1.73 8.75 14.76
C ASN B 297 -0.82 7.54 14.76
N MET B 298 -1.14 6.51 13.99
CA MET B 298 -0.31 5.31 14.02
C MET B 298 1.08 5.58 13.42
N GLN B 299 1.18 6.55 12.52
CA GLN B 299 2.47 6.81 11.90
C GLN B 299 3.24 7.96 12.55
N VAL B 300 2.67 8.56 13.59
CA VAL B 300 3.41 9.54 14.41
C VAL B 300 3.48 9.07 15.86
N MET B 301 4.29 9.76 16.66
CA MET B 301 4.88 9.28 17.94
C MET B 301 6.33 9.73 18.08
N GLY B 302 6.68 10.77 17.31
CA GLY B 302 7.90 11.48 17.57
C GLY B 302 7.57 12.61 18.52
N VAL B 303 8.55 13.47 18.77
CA VAL B 303 8.34 14.67 19.57
C VAL B 303 8.06 15.82 18.61
N VAL B 304 7.26 16.80 19.03
CA VAL B 304 7.08 17.98 18.21
C VAL B 304 8.40 18.78 18.17
N MET B 305 8.83 19.17 16.99
CA MET B 305 10.11 19.87 16.81
C MET B 305 9.95 21.38 17.03
N GLN B 306 10.62 22.16 16.19
CA GLN B 306 10.46 23.62 16.19
C GLN B 306 10.01 24.10 14.80
#